data_7X5X
#
_entry.id   7X5X
#
_cell.length_a   77.264
_cell.length_b   84.063
_cell.length_c   63.003
_cell.angle_alpha   90.00
_cell.angle_beta   100.66
_cell.angle_gamma   90.00
#
_symmetry.space_group_name_H-M   'C 1 2 1'
#
loop_
_entity.id
_entity.type
_entity.pdbx_description
1 polymer '4-hydroxyphenylpyruvate dioxygenase'
2 non-polymer 'COBALT (II) ION'
3 non-polymer 2-methylsulfonyl-N-(1-methyl-1,2,3,4-tetrazol-5-yl)-4-(trifluoromethyl)benzamide
4 water water
#
_entity_poly.entity_id   1
_entity_poly.type   'polypeptide(L)'
_entity_poly.pdbx_seq_one_letter_code
;GSHMVRKNPKSDKFKVKRFHHIEFWCGDATNVARRFSWGLGMRFSAKSDLSTGNMVHASYLLTSGDLRFLFTAPYSPSLS
AGEIKPTTTASIPSFDHGSCRSFFSSHGLGVRAVAIEVEDAESAFSISVANGAIPSSPPIVLNEAVTIAEVKLYGDVVLR
YVSYKAEDTEKSEFLPGFERVEDASSFPLDYGIRRLDHAVGNVPELGPALTYVAGFTGFHQFAEFTADDVGTAESGLNSA
VLASNDEMVLLPINEPVHGTKRKSQIQTYLEHNEGAGLQHLALMSEDIFRTLREMRKRSSIGGFDFMPSPPPTYYQNLKK
RVGDVLSDDQIKECEELGILVDRDDQGTLLQIFTKPLGDRPTIFIEIIQRVGCMMKDEEGKAYQSGGCGGFGKGNFSELF
KSIEEYEKTLEAKQLVG
;
_entity_poly.pdbx_strand_id   A
#
loop_
_chem_comp.id
_chem_comp.type
_chem_comp.name
_chem_comp.formula
9V4 non-polymer 2-methylsulfonyl-N-(1-methyl-1,2,3,4-tetrazol-5-yl)-4-(trifluoromethyl)benzamide 'C11 H10 F3 N5 O3 S'
CO non-polymer 'COBALT (II) ION' 'Co 2'
#
# COMPACT_ATOMS: atom_id res chain seq x y z
N LYS A 7 -20.61 -13.69 -1.19
CA LYS A 7 -20.65 -14.09 -2.59
C LYS A 7 -19.58 -13.37 -3.39
N ASN A 8 -19.23 -13.92 -4.55
CA ASN A 8 -18.22 -13.32 -5.42
C ASN A 8 -18.70 -13.40 -6.86
N PRO A 9 -19.28 -12.31 -7.38
CA PRO A 9 -19.80 -12.34 -8.76
C PRO A 9 -18.74 -12.43 -9.83
N LYS A 10 -17.47 -12.15 -9.51
CA LYS A 10 -16.38 -12.17 -10.48
C LYS A 10 -16.69 -11.29 -11.69
N SER A 11 -17.00 -10.03 -11.41
CA SER A 11 -17.47 -9.11 -12.43
C SER A 11 -16.36 -8.20 -12.96
N ASP A 12 -15.09 -8.54 -12.75
CA ASP A 12 -14.00 -7.72 -13.27
C ASP A 12 -14.24 -7.45 -14.75
N LYS A 13 -14.19 -6.17 -15.12
CA LYS A 13 -14.42 -5.78 -16.50
C LYS A 13 -13.17 -5.95 -17.37
N PHE A 14 -12.06 -6.42 -16.79
CA PHE A 14 -10.85 -6.70 -17.56
C PHE A 14 -9.94 -7.56 -16.70
N LYS A 15 -8.98 -8.24 -17.34
CA LYS A 15 -8.22 -9.29 -16.66
C LYS A 15 -7.15 -8.64 -15.79
N VAL A 16 -7.32 -8.78 -14.48
CA VAL A 16 -6.44 -8.24 -13.45
C VAL A 16 -5.62 -9.40 -12.88
N LYS A 17 -4.31 -9.18 -12.72
CA LYS A 17 -3.43 -10.21 -12.19
C LYS A 17 -3.10 -9.94 -10.73
N ARG A 18 -2.03 -9.18 -10.45
CA ARG A 18 -1.63 -8.91 -9.07
C ARG A 18 -1.18 -7.46 -8.91
N PHE A 19 -1.16 -7.02 -7.66
CA PHE A 19 -0.42 -5.82 -7.29
C PHE A 19 0.98 -5.91 -7.88
N HIS A 20 1.39 -4.85 -8.57
CA HIS A 20 2.70 -4.82 -9.21
C HIS A 20 3.70 -3.91 -8.49
N HIS A 21 3.31 -2.72 -8.07
CA HIS A 21 4.22 -1.85 -7.34
C HIS A 21 3.44 -0.70 -6.74
N ILE A 22 4.08 -0.01 -5.81
CA ILE A 22 3.55 1.22 -5.21
C ILE A 22 4.60 2.31 -5.44
N GLU A 23 4.16 3.49 -5.90
CA GLU A 23 5.08 4.60 -6.15
C GLU A 23 4.79 5.77 -5.22
N PHE A 24 5.78 6.13 -4.41
CA PHE A 24 5.76 7.32 -3.59
C PHE A 24 6.28 8.49 -4.41
N TRP A 25 5.59 9.63 -4.32
CA TRP A 25 6.11 10.88 -4.87
C TRP A 25 6.77 11.65 -3.73
N CYS A 26 8.03 12.03 -3.93
CA CYS A 26 8.90 12.58 -2.88
C CYS A 26 9.50 13.89 -3.37
N GLY A 27 10.06 14.62 -2.41
CA GLY A 27 10.93 15.72 -2.73
C GLY A 27 12.37 15.31 -2.97
N ASP A 28 12.85 14.35 -2.19
CA ASP A 28 14.16 13.74 -2.42
C ASP A 28 13.97 12.22 -2.37
N ALA A 29 14.16 11.54 -3.51
CA ALA A 29 13.88 10.11 -3.50
C ALA A 29 14.99 9.32 -2.82
N THR A 30 16.23 9.81 -2.87
CA THR A 30 17.35 9.09 -2.27
C THR A 30 17.15 8.88 -0.77
N ASN A 31 16.85 9.95 -0.04
CA ASN A 31 16.77 9.82 1.43
C ASN A 31 15.56 8.99 1.85
N VAL A 32 14.40 9.19 1.22
CA VAL A 32 13.25 8.35 1.56
C VAL A 32 13.56 6.89 1.25
N ALA A 33 14.09 6.62 0.06
CA ALA A 33 14.39 5.24 -0.31
C ALA A 33 15.35 4.59 0.69
N ARG A 34 16.42 5.30 1.02
CA ARG A 34 17.40 4.70 1.92
C ARG A 34 16.83 4.47 3.31
N ARG A 35 15.98 5.39 3.80
CA ARG A 35 15.37 5.15 5.10
C ARG A 35 14.43 3.95 5.05
N PHE A 36 13.63 3.82 3.99
CA PHE A 36 12.68 2.71 3.89
C PHE A 36 13.42 1.38 3.80
N SER A 37 14.52 1.35 3.05
CA SER A 37 15.29 0.14 2.86
C SER A 37 15.77 -0.43 4.19
N TRP A 38 16.43 0.42 4.99
CA TRP A 38 16.86 0.04 6.33
C TRP A 38 15.67 -0.28 7.23
N GLY A 39 14.63 0.55 7.19
CA GLY A 39 13.51 0.37 8.11
C GLY A 39 12.70 -0.89 7.86
N LEU A 40 12.61 -1.32 6.61
CA LEU A 40 11.70 -2.40 6.23
C LEU A 40 12.43 -3.64 5.73
N GLY A 41 13.73 -3.55 5.50
CA GLY A 41 14.51 -4.66 4.98
C GLY A 41 14.16 -4.91 3.54
N MET A 42 14.28 -3.89 2.73
CA MET A 42 14.03 -4.01 1.30
C MET A 42 15.31 -3.65 0.57
N ARG A 43 15.62 -4.41 -0.46
CA ARG A 43 16.86 -4.26 -1.20
C ARG A 43 16.69 -3.23 -2.33
N PHE A 44 17.76 -2.48 -2.58
CA PHE A 44 17.83 -1.65 -3.77
C PHE A 44 18.01 -2.54 -4.99
N SER A 45 17.03 -2.54 -5.90
CA SER A 45 17.14 -3.45 -7.03
C SER A 45 17.13 -2.80 -8.39
N ALA A 46 16.60 -1.58 -8.55
CA ALA A 46 16.70 -0.93 -9.85
C ALA A 46 16.68 0.58 -9.70
N LYS A 47 17.26 1.28 -10.68
CA LYS A 47 17.33 2.72 -10.65
C LYS A 47 17.07 3.28 -12.04
N SER A 48 16.49 4.48 -12.07
CA SER A 48 16.40 5.29 -13.27
C SER A 48 16.66 6.72 -12.82
N ASP A 49 17.77 7.31 -13.25
CA ASP A 49 18.17 8.63 -12.77
C ASP A 49 19.19 9.23 -13.73
N LEU A 50 19.93 10.24 -13.29
CA LEU A 50 20.96 10.84 -14.14
C LEU A 50 21.96 9.79 -14.62
N SER A 51 22.35 8.85 -13.76
CA SER A 51 23.35 7.88 -14.15
C SER A 51 22.84 6.93 -15.23
N THR A 52 21.53 6.86 -15.45
CA THR A 52 20.99 6.02 -16.52
C THR A 52 20.43 6.84 -17.67
N GLY A 53 20.72 8.13 -17.73
CA GLY A 53 20.25 8.97 -18.82
C GLY A 53 18.95 9.71 -18.56
N ASN A 54 18.38 9.60 -17.38
CA ASN A 54 17.10 10.22 -17.08
C ASN A 54 17.34 11.63 -16.53
N MET A 55 17.06 12.64 -17.35
CA MET A 55 17.20 14.05 -16.98
C MET A 55 15.96 14.62 -16.35
N VAL A 56 14.93 13.80 -16.16
CA VAL A 56 13.61 14.28 -15.76
C VAL A 56 13.35 13.97 -14.30
N HIS A 57 13.40 12.70 -13.92
CA HIS A 57 13.11 12.29 -12.56
C HIS A 57 14.13 11.27 -12.07
N ALA A 58 14.31 11.25 -10.76
CA ALA A 58 15.05 10.20 -10.08
C ALA A 58 14.05 9.21 -9.50
N SER A 59 14.21 7.93 -9.86
CA SER A 59 13.33 6.87 -9.37
C SER A 59 14.15 5.70 -8.89
N TYR A 60 13.90 5.26 -7.65
CA TYR A 60 14.62 4.15 -7.05
C TYR A 60 13.63 3.10 -6.57
N LEU A 61 13.87 1.87 -6.95
CA LEU A 61 12.97 0.77 -6.62
C LEU A 61 13.55 -0.06 -5.49
N LEU A 62 12.77 -0.26 -4.42
CA LEU A 62 13.06 -1.23 -3.39
C LEU A 62 12.18 -2.46 -3.60
N THR A 63 12.73 -3.65 -3.32
CA THR A 63 12.01 -4.91 -3.46
C THR A 63 12.21 -5.78 -2.22
N SER A 64 11.16 -6.50 -1.83
CA SER A 64 11.28 -7.54 -0.81
C SER A 64 10.23 -8.59 -1.14
N GLY A 65 10.67 -9.79 -1.54
CA GLY A 65 9.71 -10.76 -2.06
C GLY A 65 9.13 -10.26 -3.37
N ASP A 66 7.80 -10.22 -3.46
CA ASP A 66 7.16 -9.59 -4.61
C ASP A 66 6.80 -8.13 -4.37
N LEU A 67 7.11 -7.60 -3.19
CA LEU A 67 6.75 -6.23 -2.86
C LEU A 67 7.71 -5.27 -3.55
N ARG A 68 7.15 -4.33 -4.30
CA ARG A 68 7.93 -3.31 -5.00
C ARG A 68 7.50 -1.93 -4.53
N PHE A 69 8.43 -1.20 -3.92
CA PHE A 69 8.26 0.20 -3.51
C PHE A 69 9.12 1.07 -4.41
N LEU A 70 8.48 1.94 -5.18
CA LEU A 70 9.14 2.88 -6.07
C LEU A 70 9.11 4.29 -5.45
N PHE A 71 10.26 4.97 -5.45
CA PHE A 71 10.40 6.31 -4.88
C PHE A 71 10.87 7.24 -5.97
N THR A 72 10.11 8.31 -6.23
CA THR A 72 10.39 9.19 -7.35
C THR A 72 10.32 10.64 -6.93
N ALA A 73 11.26 11.45 -7.42
CA ALA A 73 11.34 12.88 -7.18
C ALA A 73 11.77 13.58 -8.47
N PRO A 74 11.33 14.83 -8.68
CA PRO A 74 11.74 15.56 -9.89
C PRO A 74 13.09 16.23 -9.74
N TYR A 75 13.86 16.22 -10.84
CA TYR A 75 15.02 17.09 -10.98
C TYR A 75 14.56 18.50 -11.37
N SER A 76 15.53 19.41 -11.49
CA SER A 76 15.21 20.73 -12.00
C SER A 76 14.69 20.63 -13.44
N PRO A 77 13.58 21.30 -13.76
CA PRO A 77 13.10 21.28 -15.16
C PRO A 77 14.14 21.73 -16.18
N SER A 78 15.11 22.55 -15.77
CA SER A 78 16.09 23.07 -16.72
C SER A 78 16.90 21.95 -17.36
N LEU A 79 17.07 20.82 -16.65
CA LEU A 79 17.87 19.73 -17.20
C LEU A 79 17.23 19.15 -18.46
N SER A 80 15.91 19.13 -18.53
CA SER A 80 15.18 18.55 -19.65
C SER A 80 14.43 19.61 -20.45
N ALA A 81 14.84 20.87 -20.36
CA ALA A 81 14.05 21.95 -20.94
C ALA A 81 13.97 21.84 -22.47
N GLY A 82 14.95 21.22 -23.10
CA GLY A 82 14.92 21.08 -24.53
C GLY A 82 14.19 19.86 -25.05
N GLU A 83 13.74 18.99 -24.15
CA GLU A 83 13.03 17.79 -24.54
C GLU A 83 11.56 18.08 -24.82
N ILE A 84 10.94 17.20 -25.59
CA ILE A 84 9.48 17.16 -25.68
C ILE A 84 9.08 15.71 -25.45
N LYS A 85 7.77 15.50 -25.28
CA LYS A 85 7.31 14.15 -24.98
C LYS A 85 7.87 13.10 -25.94
N PRO A 86 7.87 13.31 -27.26
CA PRO A 86 8.50 12.31 -28.14
C PRO A 86 9.97 12.08 -27.87
N THR A 87 10.68 13.09 -27.33
CA THR A 87 12.12 13.01 -27.10
C THR A 87 12.48 12.84 -25.63
N THR A 88 11.51 12.49 -24.79
CA THR A 88 11.73 12.53 -23.34
C THR A 88 12.78 11.50 -22.90
N THR A 89 13.48 11.81 -21.83
CA THR A 89 14.38 10.86 -21.20
C THR A 89 13.77 10.25 -19.94
N ALA A 90 12.56 10.67 -19.57
CA ALA A 90 11.86 10.07 -18.45
C ALA A 90 11.55 8.60 -18.74
N SER A 91 11.85 7.74 -17.78
CA SER A 91 11.50 6.34 -17.94
C SER A 91 10.04 6.07 -17.63
N ILE A 92 9.39 6.99 -16.91
CA ILE A 92 7.97 6.86 -16.62
C ILE A 92 7.25 8.00 -17.34
N PRO A 93 6.78 7.76 -18.56
CA PRO A 93 6.29 8.87 -19.40
C PRO A 93 5.14 9.64 -18.78
N SER A 94 4.40 9.07 -17.82
CA SER A 94 3.35 9.82 -17.16
C SER A 94 3.88 10.89 -16.19
N PHE A 95 5.17 10.84 -15.84
CA PHE A 95 5.69 11.83 -14.90
C PHE A 95 5.54 13.25 -15.42
N ASP A 96 5.25 14.16 -14.49
CA ASP A 96 5.12 15.57 -14.82
C ASP A 96 5.69 16.39 -13.66
N HIS A 97 6.70 17.19 -13.94
CA HIS A 97 7.32 18.04 -12.92
C HIS A 97 6.28 18.78 -12.09
N GLY A 98 5.37 19.49 -12.75
CA GLY A 98 4.42 20.30 -12.02
C GLY A 98 3.47 19.46 -11.18
N SER A 99 2.94 18.39 -11.76
CA SER A 99 2.09 17.47 -11.00
C SER A 99 2.83 16.94 -9.77
N CYS A 100 4.10 16.56 -9.93
CA CYS A 100 4.83 16.00 -8.81
C CYS A 100 5.05 17.04 -7.71
N ARG A 101 5.58 18.22 -8.07
CA ARG A 101 5.82 19.24 -7.05
C ARG A 101 4.51 19.63 -6.38
N SER A 102 3.44 19.72 -7.16
CA SER A 102 2.15 20.08 -6.59
C SER A 102 1.65 18.99 -5.63
N PHE A 103 1.77 17.72 -6.03
CA PHE A 103 1.37 16.62 -5.14
C PHE A 103 2.11 16.71 -3.82
N PHE A 104 3.45 16.84 -3.86
CA PHE A 104 4.22 16.75 -2.63
C PHE A 104 3.98 17.98 -1.76
N SER A 105 3.84 19.15 -2.37
CA SER A 105 3.61 20.34 -1.55
C SER A 105 2.20 20.37 -0.99
N SER A 106 1.25 19.71 -1.66
CA SER A 106 -0.09 19.61 -1.11
C SER A 106 -0.22 18.48 -0.08
N HIS A 107 0.44 17.35 -0.31
CA HIS A 107 0.22 16.18 0.51
C HIS A 107 1.41 15.78 1.38
N GLY A 108 2.59 16.34 1.13
CA GLY A 108 3.77 15.77 1.74
C GLY A 108 4.05 14.39 1.14
N LEU A 109 4.99 13.69 1.76
CA LEU A 109 5.35 12.35 1.29
C LEU A 109 4.12 11.46 1.26
N GLY A 110 3.91 10.79 0.12
CA GLY A 110 2.82 9.84 0.08
C GLY A 110 2.78 9.09 -1.24
N VAL A 111 1.76 8.24 -1.35
CA VAL A 111 1.62 7.33 -2.48
C VAL A 111 0.94 8.07 -3.62
N ARG A 112 1.57 8.06 -4.79
CA ARG A 112 0.96 8.59 -6.00
C ARG A 112 0.26 7.52 -6.82
N ALA A 113 0.87 6.34 -6.94
CA ALA A 113 0.35 5.31 -7.82
C ALA A 113 0.24 3.98 -7.08
N VAL A 114 -0.95 3.39 -7.14
CA VAL A 114 -1.14 1.97 -6.85
C VAL A 114 -1.14 1.27 -8.20
N ALA A 115 -0.13 0.45 -8.45
CA ALA A 115 0.01 -0.21 -9.75
C ALA A 115 -0.39 -1.67 -9.62
N ILE A 116 -1.31 -2.09 -10.49
CA ILE A 116 -1.71 -3.48 -10.64
C ILE A 116 -1.30 -3.94 -12.03
N GLU A 117 -0.83 -5.17 -12.14
CA GLU A 117 -0.54 -5.73 -13.44
C GLU A 117 -1.80 -6.33 -14.03
N VAL A 118 -2.00 -6.11 -15.32
CA VAL A 118 -3.18 -6.58 -16.03
C VAL A 118 -2.73 -7.25 -17.31
N GLU A 119 -3.66 -7.96 -17.95
CA GLU A 119 -3.31 -8.67 -19.18
C GLU A 119 -2.99 -7.69 -20.29
N ASP A 120 -3.75 -6.61 -20.39
CA ASP A 120 -3.66 -5.67 -21.49
C ASP A 120 -3.99 -4.29 -20.94
N ALA A 121 -2.95 -3.45 -20.78
CA ALA A 121 -3.11 -2.14 -20.17
C ALA A 121 -3.92 -1.18 -21.04
N GLU A 122 -3.81 -1.29 -22.37
CA GLU A 122 -4.63 -0.42 -23.23
C GLU A 122 -6.12 -0.73 -23.07
N SER A 123 -6.50 -2.01 -23.17
CA SER A 123 -7.90 -2.38 -22.96
C SER A 123 -8.38 -1.96 -21.59
N ALA A 124 -7.60 -2.29 -20.55
CA ALA A 124 -8.00 -1.92 -19.19
C ALA A 124 -8.24 -0.41 -19.07
N PHE A 125 -7.37 0.40 -19.68
CA PHE A 125 -7.61 1.84 -19.71
C PHE A 125 -8.88 2.16 -20.50
N SER A 126 -9.01 1.62 -21.71
CA SER A 126 -10.16 1.98 -22.55
C SER A 126 -11.47 1.58 -21.88
N ILE A 127 -11.56 0.32 -21.42
CA ILE A 127 -12.78 -0.13 -20.76
C ILE A 127 -13.05 0.68 -19.49
N SER A 128 -12.00 0.99 -18.73
CA SER A 128 -12.18 1.78 -17.52
C SER A 128 -12.80 3.13 -17.84
N VAL A 129 -12.20 3.90 -18.74
CA VAL A 129 -12.76 5.24 -18.96
C VAL A 129 -14.10 5.11 -19.65
N ALA A 130 -14.28 4.12 -20.53
CA ALA A 130 -15.61 3.86 -21.07
C ALA A 130 -16.61 3.67 -19.95
N ASN A 131 -16.15 3.20 -18.78
CA ASN A 131 -17.02 2.88 -17.67
C ASN A 131 -16.92 3.89 -16.53
N GLY A 132 -16.60 5.15 -16.85
CA GLY A 132 -16.63 6.23 -15.89
C GLY A 132 -15.30 6.67 -15.29
N ALA A 133 -14.21 5.96 -15.57
CA ALA A 133 -12.93 6.33 -14.98
C ALA A 133 -12.41 7.64 -15.55
N ILE A 134 -11.97 8.55 -14.68
CA ILE A 134 -11.34 9.79 -15.12
C ILE A 134 -9.93 9.44 -15.59
N PRO A 135 -9.59 9.68 -16.85
CA PRO A 135 -8.26 9.31 -17.33
C PRO A 135 -7.18 10.22 -16.75
N SER A 136 -6.02 9.64 -16.52
CA SER A 136 -4.90 10.43 -15.99
C SER A 136 -3.68 10.40 -16.90
N SER A 137 -3.37 9.27 -17.49
CA SER A 137 -2.31 9.26 -18.44
C SER A 137 -2.69 8.17 -19.43
N PRO A 138 -2.69 8.45 -20.73
CA PRO A 138 -3.17 7.46 -21.70
C PRO A 138 -2.18 6.33 -21.85
N PRO A 139 -2.59 5.19 -22.43
CA PRO A 139 -1.66 4.06 -22.54
C PRO A 139 -0.45 4.44 -23.39
N ILE A 140 0.73 4.06 -22.92
CA ILE A 140 1.98 4.31 -23.61
C ILE A 140 2.77 3.03 -23.63
N VAL A 141 3.37 2.71 -24.77
CA VAL A 141 4.10 1.45 -24.96
C VAL A 141 5.59 1.74 -24.82
N LEU A 142 6.24 1.08 -23.86
CA LEU A 142 7.63 1.35 -23.52
C LEU A 142 8.53 0.32 -24.19
N ASN A 143 9.37 0.77 -25.12
CA ASN A 143 10.33 -0.07 -25.82
C ASN A 143 9.68 -1.34 -26.39
N GLU A 144 8.47 -1.19 -26.93
CA GLU A 144 7.71 -2.30 -27.53
C GLU A 144 7.54 -3.48 -26.59
N ALA A 145 7.74 -3.27 -25.28
CA ALA A 145 7.77 -4.36 -24.31
C ALA A 145 6.72 -4.24 -23.24
N VAL A 146 6.52 -3.05 -22.67
CA VAL A 146 5.64 -2.84 -21.54
C VAL A 146 4.70 -1.71 -21.86
N THR A 147 3.45 -1.83 -21.43
CA THR A 147 2.46 -0.80 -21.64
C THR A 147 1.97 -0.32 -20.29
N ILE A 148 1.87 0.99 -20.13
CA ILE A 148 1.48 1.59 -18.86
C ILE A 148 0.38 2.61 -19.11
N ALA A 149 -0.61 2.65 -18.22
CA ALA A 149 -1.72 3.57 -18.33
C ALA A 149 -2.23 3.86 -16.93
N GLU A 150 -2.85 5.03 -16.76
CA GLU A 150 -3.24 5.51 -15.45
C GLU A 150 -4.61 6.17 -15.49
N VAL A 151 -5.42 5.90 -14.47
CA VAL A 151 -6.70 6.54 -14.25
C VAL A 151 -6.75 7.04 -12.81
N LYS A 152 -7.57 8.05 -12.56
CA LYS A 152 -7.71 8.56 -11.21
C LYS A 152 -8.41 7.56 -10.30
N LEU A 153 -7.87 7.38 -9.10
CA LEU A 153 -8.47 6.47 -8.13
C LEU A 153 -9.24 7.23 -7.04
N TYR A 154 -8.57 8.13 -6.33
CA TYR A 154 -9.21 9.05 -5.42
C TYR A 154 -8.18 10.10 -5.02
N GLY A 155 -8.65 11.30 -4.72
CA GLY A 155 -7.74 12.42 -4.52
C GLY A 155 -6.77 12.54 -5.68
N ASP A 156 -5.48 12.57 -5.37
CA ASP A 156 -4.43 12.67 -6.38
C ASP A 156 -3.71 11.35 -6.59
N VAL A 157 -4.31 10.25 -6.13
CA VAL A 157 -3.77 8.90 -6.32
C VAL A 157 -4.35 8.31 -7.60
N VAL A 158 -3.49 7.65 -8.38
CA VAL A 158 -3.91 6.98 -9.61
C VAL A 158 -3.82 5.47 -9.44
N LEU A 159 -4.76 4.77 -10.08
CA LEU A 159 -4.63 3.35 -10.34
C LEU A 159 -3.87 3.21 -11.65
N ARG A 160 -2.72 2.55 -11.60
CA ARG A 160 -1.82 2.42 -12.74
C ARG A 160 -1.90 0.98 -13.25
N TYR A 161 -2.18 0.83 -14.54
CA TYR A 161 -2.19 -0.47 -15.19
C TYR A 161 -0.87 -0.72 -15.88
N VAL A 162 -0.35 -1.92 -15.74
CA VAL A 162 0.88 -2.35 -16.38
C VAL A 162 0.64 -3.70 -17.02
N SER A 163 1.18 -3.90 -18.22
CA SER A 163 1.08 -5.19 -18.88
C SER A 163 2.35 -5.43 -19.69
N TYR A 164 2.73 -6.70 -19.78
CA TYR A 164 3.94 -7.13 -20.48
C TYR A 164 3.55 -8.05 -21.63
N LYS A 165 4.21 -7.89 -22.78
CA LYS A 165 4.02 -8.85 -23.86
C LYS A 165 4.57 -10.22 -23.46
N ALA A 166 5.79 -10.26 -22.94
CA ALA A 166 6.39 -11.51 -22.49
C ALA A 166 6.41 -11.61 -20.96
N GLU A 173 14.78 -4.88 -15.16
CA GLU A 173 13.67 -5.67 -15.69
C GLU A 173 12.34 -5.08 -15.21
N PHE A 174 12.41 -4.16 -14.26
CA PHE A 174 11.22 -3.52 -13.70
C PHE A 174 10.45 -2.83 -14.83
N LEU A 175 11.03 -1.79 -15.38
CA LEU A 175 10.51 -1.09 -16.54
C LEU A 175 11.67 -0.86 -17.50
N PRO A 176 11.40 -0.67 -18.78
CA PRO A 176 12.44 -0.23 -19.71
C PRO A 176 13.08 1.07 -19.25
N GLY A 177 14.40 1.14 -19.39
CA GLY A 177 15.13 2.32 -18.99
C GLY A 177 15.61 2.30 -17.56
N PHE A 178 15.11 1.38 -16.74
CA PHE A 178 15.67 1.16 -15.42
C PHE A 178 16.86 0.21 -15.55
N GLU A 179 17.87 0.43 -14.73
CA GLU A 179 19.04 -0.46 -14.69
C GLU A 179 19.07 -1.20 -13.37
N ARG A 180 19.51 -2.45 -13.42
CA ARG A 180 19.81 -3.18 -12.19
C ARG A 180 20.88 -2.42 -11.40
N VAL A 181 20.71 -2.41 -10.09
CA VAL A 181 21.60 -1.67 -9.20
C VAL A 181 22.81 -2.55 -8.89
N GLU A 182 24.00 -1.97 -8.98
CA GLU A 182 25.25 -2.70 -8.79
C GLU A 182 25.28 -3.40 -7.44
N ASP A 183 25.71 -4.66 -7.45
CA ASP A 183 25.52 -5.51 -6.29
C ASP A 183 26.28 -5.03 -5.07
N ALA A 184 27.37 -4.29 -5.26
CA ALA A 184 28.07 -3.70 -4.11
C ALA A 184 27.19 -2.69 -3.40
N SER A 185 26.41 -1.91 -4.16
CA SER A 185 25.43 -1.03 -3.56
C SER A 185 24.22 -1.80 -3.02
N SER A 186 23.91 -2.96 -3.62
CA SER A 186 22.71 -3.72 -3.28
C SER A 186 23.03 -4.69 -2.14
N PHE A 187 22.67 -4.31 -0.88
CA PHE A 187 22.87 -5.18 0.28
C PHE A 187 21.59 -5.98 0.55
N PRO A 188 21.69 -7.31 0.61
CA PRO A 188 20.48 -8.16 0.56
C PRO A 188 19.71 -8.21 1.87
N LEU A 189 19.17 -7.07 2.29
CA LEU A 189 18.33 -7.08 3.47
C LEU A 189 17.04 -7.84 3.21
N ASP A 190 16.46 -8.40 4.27
CA ASP A 190 15.21 -9.12 4.20
C ASP A 190 14.71 -9.39 5.59
N TYR A 191 13.62 -8.74 6.03
CA TYR A 191 13.06 -9.05 7.34
C TYR A 191 11.80 -9.90 7.23
N GLY A 192 11.59 -10.57 6.10
CA GLY A 192 10.46 -11.46 5.91
C GLY A 192 9.27 -10.90 5.14
N ILE A 193 9.31 -9.64 4.68
CA ILE A 193 8.15 -9.09 3.97
C ILE A 193 8.13 -9.63 2.55
N ARG A 194 6.93 -9.94 2.04
CA ARG A 194 6.86 -10.69 0.81
C ARG A 194 5.95 -10.11 -0.27
N ARG A 195 4.85 -9.45 0.11
CA ARG A 195 3.97 -8.91 -0.93
C ARG A 195 3.00 -7.90 -0.32
N LEU A 196 2.39 -7.10 -1.20
CA LEU A 196 1.35 -6.18 -0.77
C LEU A 196 0.02 -6.93 -0.65
N ASP A 197 -0.60 -6.84 0.53
CA ASP A 197 -1.88 -7.50 0.77
C ASP A 197 -3.05 -6.62 0.38
N HIS A 198 -3.04 -5.36 0.81
CA HIS A 198 -4.09 -4.42 0.43
C HIS A 198 -3.58 -2.98 0.55
N ALA A 199 -4.22 -2.09 -0.20
CA ALA A 199 -3.91 -0.67 -0.21
C ALA A 199 -5.19 0.12 0.02
N VAL A 200 -5.19 0.95 1.05
CA VAL A 200 -6.40 1.50 1.64
C VAL A 200 -6.44 3.00 1.44
N GLY A 201 -7.54 3.51 0.89
CA GLY A 201 -7.73 4.95 0.72
C GLY A 201 -8.64 5.53 1.78
N ASN A 202 -8.41 6.79 2.12
CA ASN A 202 -9.31 7.60 2.94
C ASN A 202 -10.01 8.62 2.04
N VAL A 203 -11.33 8.76 2.18
CA VAL A 203 -12.13 9.73 1.42
C VAL A 203 -13.16 10.36 2.35
N PRO A 204 -13.71 11.51 1.96
CA PRO A 204 -14.77 12.13 2.79
C PRO A 204 -16.13 11.44 2.68
N GLU A 205 -16.44 10.80 1.55
CA GLU A 205 -17.73 10.11 1.40
C GLU A 205 -17.50 8.74 0.77
N LEU A 206 -17.79 7.69 1.52
CA LEU A 206 -17.56 6.33 1.03
C LEU A 206 -18.38 6.02 -0.22
N GLY A 207 -19.67 6.35 -0.20
CA GLY A 207 -20.60 6.01 -1.25
C GLY A 207 -20.13 6.31 -2.66
N PRO A 208 -19.90 7.59 -2.96
CA PRO A 208 -19.45 7.96 -4.32
C PRO A 208 -18.10 7.40 -4.67
N ALA A 209 -17.22 7.23 -3.70
CA ALA A 209 -15.91 6.65 -3.98
C ALA A 209 -16.07 5.18 -4.39
N LEU A 210 -16.84 4.42 -3.61
CA LEU A 210 -17.14 3.04 -4.00
C LEU A 210 -17.78 3.00 -5.38
N THR A 211 -18.83 3.78 -5.57
CA THR A 211 -19.59 3.72 -6.82
C THR A 211 -18.69 3.96 -8.02
N TYR A 212 -17.87 5.02 -7.96
CA TYR A 212 -16.94 5.32 -9.02
C TYR A 212 -15.96 4.18 -9.27
N VAL A 213 -15.26 3.73 -8.23
CA VAL A 213 -14.18 2.76 -8.45
C VAL A 213 -14.75 1.41 -8.89
N ALA A 214 -15.71 0.88 -8.15
CA ALA A 214 -16.31 -0.37 -8.59
C ALA A 214 -16.96 -0.20 -9.95
N GLY A 215 -17.44 1.02 -10.24
CA GLY A 215 -18.06 1.28 -11.53
C GLY A 215 -17.15 1.00 -12.72
N PHE A 216 -15.89 1.45 -12.65
CA PHE A 216 -15.01 1.30 -13.80
C PHE A 216 -14.11 0.07 -13.76
N THR A 217 -13.98 -0.59 -12.59
CA THR A 217 -13.20 -1.82 -12.52
C THR A 217 -14.05 -3.08 -12.64
N GLY A 218 -15.27 -3.05 -12.10
CA GLY A 218 -16.01 -4.28 -11.90
C GLY A 218 -15.67 -5.02 -10.62
N PHE A 219 -14.80 -4.45 -9.78
CA PHE A 219 -14.46 -5.07 -8.51
C PHE A 219 -15.71 -5.18 -7.63
N HIS A 220 -15.82 -6.28 -6.90
CA HIS A 220 -16.96 -6.54 -6.04
C HIS A 220 -16.63 -6.22 -4.60
N GLN A 221 -17.67 -6.06 -3.80
CA GLN A 221 -17.48 -5.91 -2.36
C GLN A 221 -17.04 -7.25 -1.75
N PHE A 222 -15.88 -7.22 -1.09
CA PHE A 222 -15.36 -8.41 -0.42
C PHE A 222 -16.26 -8.67 0.79
N ALA A 223 -16.77 -9.89 0.89
CA ALA A 223 -17.68 -10.22 1.98
C ALA A 223 -16.90 -10.39 3.26
N GLU A 224 -17.31 -9.67 4.31
CA GLU A 224 -16.55 -9.47 5.55
C GLU A 224 -17.29 -10.05 6.76
N PHE A 225 -16.59 -10.04 7.89
CA PHE A 225 -16.90 -10.81 9.12
C PHE A 225 -17.92 -11.93 8.92
N GLU A 234 -18.20 1.44 16.46
CA GLU A 234 -18.84 2.75 16.52
C GLU A 234 -17.79 3.84 16.81
N SER A 235 -16.52 3.48 16.71
CA SER A 235 -15.42 4.42 16.91
C SER A 235 -14.62 4.50 15.61
N GLY A 236 -14.72 5.64 14.93
CA GLY A 236 -13.81 5.97 13.85
C GLY A 236 -14.41 6.18 12.47
N LEU A 237 -14.73 5.09 11.80
CA LEU A 237 -14.85 5.12 10.35
C LEU A 237 -15.94 4.16 9.89
N ASN A 238 -16.28 4.22 8.62
CA ASN A 238 -17.01 3.20 7.95
C ASN A 238 -16.16 2.84 6.75
N SER A 239 -16.12 1.57 6.38
CA SER A 239 -15.28 1.08 5.33
C SER A 239 -16.02 0.14 4.41
N ALA A 240 -15.45 -0.15 3.27
CA ALA A 240 -15.84 -1.29 2.45
C ALA A 240 -14.65 -1.67 1.65
N VAL A 241 -14.58 -2.90 1.18
CA VAL A 241 -13.42 -3.44 0.50
C VAL A 241 -13.79 -3.85 -0.92
N LEU A 242 -13.05 -3.34 -1.89
CA LEU A 242 -13.21 -3.74 -3.28
C LEU A 242 -12.17 -4.78 -3.63
N ALA A 243 -12.56 -5.81 -4.39
CA ALA A 243 -11.64 -6.88 -4.73
C ALA A 243 -11.84 -7.33 -6.16
N SER A 244 -10.76 -7.83 -6.76
CA SER A 244 -10.79 -8.42 -8.08
C SER A 244 -11.37 -9.84 -8.02
N ASN A 245 -11.47 -10.49 -9.20
CA ASN A 245 -12.12 -11.80 -9.34
C ASN A 245 -11.59 -12.81 -8.32
N ASP A 246 -10.28 -13.06 -8.33
CA ASP A 246 -9.67 -13.96 -7.36
C ASP A 246 -9.35 -13.29 -6.01
N GLU A 247 -9.80 -12.04 -5.81
CA GLU A 247 -9.68 -11.34 -4.53
C GLU A 247 -8.23 -11.22 -4.04
N MET A 248 -7.26 -11.18 -4.96
CA MET A 248 -5.88 -10.86 -4.63
C MET A 248 -5.55 -9.38 -4.75
N VAL A 249 -6.35 -8.61 -5.47
CA VAL A 249 -6.21 -7.16 -5.48
C VAL A 249 -7.32 -6.61 -4.58
N LEU A 250 -6.91 -6.06 -3.44
CA LEU A 250 -7.85 -5.61 -2.42
C LEU A 250 -7.63 -4.14 -2.18
N LEU A 251 -8.70 -3.35 -2.34
CA LEU A 251 -8.65 -1.90 -2.30
C LEU A 251 -9.74 -1.41 -1.37
N PRO A 252 -9.50 -1.48 -0.05
CA PRO A 252 -10.47 -0.91 0.90
C PRO A 252 -10.50 0.61 0.82
N ILE A 253 -11.63 1.18 1.24
CA ILE A 253 -11.80 2.63 1.32
C ILE A 253 -12.51 2.98 2.62
N ASN A 254 -11.99 3.97 3.35
CA ASN A 254 -12.61 4.47 4.57
C ASN A 254 -13.25 5.84 4.37
N GLU A 255 -14.16 6.16 5.27
CA GLU A 255 -14.73 7.49 5.42
C GLU A 255 -14.87 7.76 6.91
N PRO A 256 -14.90 9.03 7.31
CA PRO A 256 -15.02 9.33 8.74
C PRO A 256 -16.44 9.25 9.25
N VAL A 257 -16.57 9.00 10.56
CA VAL A 257 -17.83 9.14 11.27
C VAL A 257 -17.73 10.38 12.15
N HIS A 258 -18.58 11.36 11.88
CA HIS A 258 -18.54 12.64 12.59
C HIS A 258 -19.46 12.62 13.80
N GLY A 259 -19.02 13.27 14.88
CA GLY A 259 -19.81 13.45 16.08
C GLY A 259 -19.26 12.74 17.30
N THR A 260 -18.50 11.66 17.09
CA THR A 260 -17.96 10.82 18.16
C THR A 260 -17.23 11.62 19.24
N LYS A 261 -17.17 11.07 20.45
CA LYS A 261 -16.33 11.65 21.50
C LYS A 261 -14.90 11.84 21.02
N ARG A 262 -14.26 10.77 20.55
CA ARG A 262 -12.93 10.85 19.98
C ARG A 262 -13.01 11.23 18.51
N LYS A 263 -12.28 12.29 18.14
CA LYS A 263 -12.29 12.77 16.76
C LYS A 263 -11.85 11.66 15.80
N SER A 264 -12.58 11.52 14.70
CA SER A 264 -12.27 10.48 13.72
C SER A 264 -10.88 10.70 13.13
N GLN A 265 -10.06 9.65 13.17
CA GLN A 265 -8.72 9.78 12.59
C GLN A 265 -8.77 9.83 11.08
N ILE A 266 -9.86 9.37 10.47
CA ILE A 266 -10.05 9.58 9.03
C ILE A 266 -10.18 11.06 8.73
N GLN A 267 -10.91 11.79 9.59
CA GLN A 267 -11.03 13.23 9.41
C GLN A 267 -9.69 13.92 9.63
N THR A 268 -8.94 13.50 10.65
CA THR A 268 -7.60 14.04 10.86
C THR A 268 -6.74 13.81 9.61
N TYR A 269 -6.81 12.60 9.04
CA TYR A 269 -6.10 12.33 7.79
C TYR A 269 -6.49 13.35 6.72
N LEU A 270 -7.79 13.51 6.48
CA LEU A 270 -8.24 14.40 5.39
C LEU A 270 -7.74 15.82 5.57
N GLU A 271 -7.69 16.31 6.82
CA GLU A 271 -7.25 17.67 7.08
C GLU A 271 -5.76 17.84 6.86
N HIS A 272 -4.96 16.90 7.37
CA HIS A 272 -3.52 17.04 7.26
C HIS A 272 -3.01 16.68 5.87
N ASN A 273 -3.68 15.76 5.19
CA ASN A 273 -3.31 15.41 3.83
C ASN A 273 -3.84 16.40 2.78
N GLU A 274 -4.64 17.38 3.19
CA GLU A 274 -5.40 18.21 2.25
C GLU A 274 -6.26 17.34 1.33
N GLY A 275 -7.06 16.48 1.93
CA GLY A 275 -8.06 15.73 1.18
C GLY A 275 -7.74 14.25 1.08
N ALA A 276 -8.50 13.61 0.19
CA ALA A 276 -8.44 12.16 0.03
C ALA A 276 -7.05 11.71 -0.40
N GLY A 277 -6.73 10.46 -0.03
CA GLY A 277 -5.45 9.87 -0.38
C GLY A 277 -5.29 8.50 0.23
N LEU A 278 -4.13 7.91 -0.04
CA LEU A 278 -3.81 6.59 0.47
C LEU A 278 -3.48 6.69 1.96
N GLN A 279 -4.22 5.92 2.77
CA GLN A 279 -4.02 5.90 4.22
C GLN A 279 -2.97 4.88 4.67
N HIS A 280 -3.15 3.60 4.35
CA HIS A 280 -2.15 2.63 4.78
C HIS A 280 -1.93 1.54 3.75
N LEU A 281 -0.70 1.03 3.75
CA LEU A 281 -0.28 -0.11 2.95
C LEU A 281 -0.06 -1.30 3.88
N ALA A 282 -0.72 -2.42 3.58
CA ALA A 282 -0.57 -3.64 4.37
C ALA A 282 0.35 -4.61 3.64
N LEU A 283 1.48 -4.93 4.27
CA LEU A 283 2.51 -5.77 3.69
C LEU A 283 2.46 -7.14 4.36
N MET A 284 2.33 -8.18 3.57
CA MET A 284 2.30 -9.55 4.10
C MET A 284 3.71 -10.01 4.40
N SER A 285 3.92 -10.55 5.60
CA SER A 285 5.18 -11.20 5.96
C SER A 285 4.99 -12.72 6.03
N GLU A 286 6.01 -13.46 5.59
CA GLU A 286 6.03 -14.91 5.79
C GLU A 286 6.39 -15.30 7.23
N ASP A 287 6.71 -14.33 8.09
CA ASP A 287 7.02 -14.65 9.49
C ASP A 287 6.93 -13.32 10.25
N ILE A 288 5.71 -13.00 10.70
CA ILE A 288 5.49 -11.68 11.28
C ILE A 288 6.34 -11.47 12.53
N PHE A 289 6.70 -12.55 13.21
CA PHE A 289 7.51 -12.40 14.42
C PHE A 289 8.93 -11.99 14.09
N ARG A 290 9.54 -12.61 13.07
CA ARG A 290 10.85 -12.14 12.64
C ARG A 290 10.78 -10.70 12.10
N THR A 291 9.76 -10.38 11.29
CA THR A 291 9.65 -9.03 10.74
C THR A 291 9.56 -7.99 11.86
N LEU A 292 8.68 -8.21 12.83
CA LEU A 292 8.51 -7.23 13.89
C LEU A 292 9.73 -7.18 14.81
N ARG A 293 10.40 -8.32 15.04
CA ARG A 293 11.66 -8.23 15.78
C ARG A 293 12.67 -7.37 15.03
N GLU A 294 12.81 -7.59 13.73
CA GLU A 294 13.85 -6.90 12.98
C GLU A 294 13.53 -5.41 12.83
N MET A 295 12.26 -5.06 12.62
CA MET A 295 11.90 -3.65 12.46
C MET A 295 11.99 -2.93 13.79
N ARG A 296 11.60 -3.61 14.88
CA ARG A 296 11.65 -2.97 16.20
C ARG A 296 13.08 -2.75 16.64
N LYS A 297 14.00 -3.64 16.24
CA LYS A 297 15.41 -3.40 16.51
C LYS A 297 15.89 -2.09 15.90
N ARG A 298 15.26 -1.65 14.82
CA ARG A 298 15.76 -0.51 14.08
C ARG A 298 14.94 0.75 14.25
N SER A 299 13.86 0.72 15.04
CA SER A 299 12.95 1.87 15.16
C SER A 299 13.71 3.14 15.47
N SER A 300 14.62 3.07 16.43
CA SER A 300 15.28 4.25 16.96
C SER A 300 16.59 4.53 16.27
N ILE A 301 16.98 3.71 15.28
CA ILE A 301 18.21 3.94 14.56
C ILE A 301 17.91 4.06 13.06
N GLY A 302 16.89 4.86 12.72
CA GLY A 302 16.58 5.22 11.34
C GLY A 302 15.36 4.51 10.76
N GLY A 303 14.85 3.46 11.42
CA GLY A 303 13.71 2.74 10.88
C GLY A 303 12.36 3.35 11.21
N PHE A 304 11.39 2.49 11.48
CA PHE A 304 9.99 2.87 11.72
C PHE A 304 9.58 2.54 13.16
N ASP A 305 8.78 3.42 13.74
CA ASP A 305 8.13 3.23 15.03
C ASP A 305 6.78 2.54 14.85
N PHE A 306 6.32 1.93 15.93
CA PHE A 306 5.07 1.19 15.92
C PHE A 306 4.08 1.85 16.86
N MET A 307 2.78 1.67 16.56
CA MET A 307 1.73 2.20 17.42
C MET A 307 1.86 1.61 18.82
N PRO A 308 1.32 2.31 19.83
CA PRO A 308 1.45 1.83 21.21
C PRO A 308 0.84 0.45 21.39
N SER A 309 1.55 -0.41 22.14
CA SER A 309 1.10 -1.78 22.35
C SER A 309 -0.25 -1.82 23.07
N PRO A 310 -1.08 -2.82 22.79
CA PRO A 310 -2.32 -2.98 23.54
C PRO A 310 -2.03 -3.38 24.97
N PRO A 311 -2.95 -3.11 25.90
CA PRO A 311 -2.68 -3.42 27.31
C PRO A 311 -2.67 -4.91 27.54
N PRO A 312 -1.99 -5.39 28.59
CA PRO A 312 -1.84 -6.85 28.76
C PRO A 312 -3.17 -7.57 28.89
N THR A 313 -4.23 -6.88 29.33
CA THR A 313 -5.58 -7.45 29.28
C THR A 313 -5.88 -8.03 27.91
N TYR A 314 -5.45 -7.35 26.84
CA TYR A 314 -5.73 -7.82 25.49
C TYR A 314 -5.14 -9.19 25.26
N TYR A 315 -3.91 -9.42 25.75
CA TYR A 315 -3.29 -10.72 25.56
C TYR A 315 -3.83 -11.75 26.54
N GLN A 316 -4.27 -11.32 27.72
CA GLN A 316 -4.93 -12.24 28.64
C GLN A 316 -6.24 -12.78 28.04
N ASN A 317 -6.91 -11.98 27.22
CA ASN A 317 -8.14 -12.41 26.54
C ASN A 317 -7.86 -13.12 25.22
N LEU A 318 -6.60 -13.22 24.81
CA LEU A 318 -6.29 -13.83 23.51
C LEU A 318 -6.47 -15.35 23.54
N LYS A 319 -6.15 -15.97 24.68
CA LYS A 319 -6.27 -17.41 24.79
C LYS A 319 -7.69 -17.88 24.52
N LYS A 320 -8.69 -17.18 25.09
CA LYS A 320 -10.09 -17.51 24.84
C LYS A 320 -10.51 -17.31 23.40
N ARG A 321 -9.71 -16.62 22.58
CA ARG A 321 -10.11 -16.32 21.21
C ARG A 321 -9.33 -17.10 20.16
N VAL A 322 -8.02 -17.26 20.32
CA VAL A 322 -7.23 -17.96 19.32
C VAL A 322 -6.34 -19.00 19.99
N GLY A 323 -6.72 -19.42 21.21
CA GLY A 323 -5.99 -20.47 21.92
C GLY A 323 -5.82 -21.76 21.13
N ASP A 324 -6.68 -22.02 20.16
CA ASP A 324 -6.54 -23.19 19.31
C ASP A 324 -5.67 -22.95 18.09
N VAL A 325 -5.32 -21.70 17.81
CA VAL A 325 -4.50 -21.37 16.65
C VAL A 325 -3.05 -21.09 17.07
N LEU A 326 -2.87 -20.48 18.23
CA LEU A 326 -1.56 -20.06 18.70
C LEU A 326 -1.27 -20.66 20.07
N SER A 327 -0.10 -21.27 20.20
CA SER A 327 0.34 -21.80 21.47
C SER A 327 0.52 -20.68 22.49
N ASP A 328 0.64 -21.07 23.75
CA ASP A 328 0.94 -20.10 24.79
C ASP A 328 2.24 -19.36 24.54
N ASP A 329 3.20 -20.01 23.87
CA ASP A 329 4.44 -19.31 23.53
C ASP A 329 4.21 -18.29 22.42
N GLN A 330 3.49 -18.68 21.37
CA GLN A 330 3.22 -17.76 20.27
C GLN A 330 2.41 -16.56 20.75
N ILE A 331 1.46 -16.77 21.66
CA ILE A 331 0.66 -15.66 22.16
C ILE A 331 1.51 -14.71 23.01
N LYS A 332 2.43 -15.25 23.82
CA LYS A 332 3.29 -14.35 24.59
C LYS A 332 4.27 -13.60 23.69
N GLU A 333 4.74 -14.25 22.61
CA GLU A 333 5.56 -13.55 21.62
C GLU A 333 4.76 -12.41 20.98
N CYS A 334 3.47 -12.60 20.75
CA CYS A 334 2.62 -11.49 20.35
C CYS A 334 2.66 -10.37 21.38
N GLU A 335 2.70 -10.72 22.66
CA GLU A 335 2.65 -9.69 23.70
C GLU A 335 3.90 -8.83 23.69
N GLU A 336 5.07 -9.45 23.56
CA GLU A 336 6.30 -8.66 23.47
C GLU A 336 6.23 -7.69 22.31
N LEU A 337 5.95 -8.21 21.11
CA LEU A 337 6.01 -7.44 19.88
C LEU A 337 4.83 -6.50 19.69
N GLY A 338 3.78 -6.60 20.50
CA GLY A 338 2.62 -5.74 20.33
C GLY A 338 1.69 -6.15 19.21
N ILE A 339 1.76 -7.39 18.75
CA ILE A 339 0.93 -7.86 17.64
C ILE A 339 -0.53 -7.95 18.08
N LEU A 340 -1.43 -7.55 17.17
CA LEU A 340 -2.87 -7.79 17.28
C LEU A 340 -3.23 -9.08 16.54
N VAL A 341 -4.31 -9.73 16.99
CA VAL A 341 -4.83 -10.94 16.36
C VAL A 341 -6.34 -10.80 16.16
N ASP A 342 -6.83 -11.26 15.00
CA ASP A 342 -8.26 -11.35 14.73
C ASP A 342 -8.53 -12.62 13.94
N ARG A 343 -9.81 -12.92 13.78
CA ARG A 343 -10.22 -14.21 13.23
C ARG A 343 -11.56 -14.08 12.52
N ASP A 344 -11.61 -14.56 11.27
CA ASP A 344 -12.84 -14.70 10.49
C ASP A 344 -13.58 -15.96 10.88
N ASP A 345 -14.42 -16.46 9.98
CA ASP A 345 -14.96 -17.81 10.06
C ASP A 345 -14.14 -18.80 9.24
N GLN A 346 -13.10 -18.33 8.55
CA GLN A 346 -12.26 -19.18 7.73
C GLN A 346 -10.78 -19.11 8.08
N GLY A 347 -10.30 -18.02 8.68
CA GLY A 347 -8.88 -17.90 8.96
C GLY A 347 -8.58 -16.97 10.12
N THR A 348 -7.32 -16.97 10.52
CA THR A 348 -6.83 -16.09 11.58
C THR A 348 -5.87 -15.06 10.99
N LEU A 349 -5.89 -13.86 11.58
CA LEU A 349 -5.07 -12.77 11.08
C LEU A 349 -4.22 -12.19 12.20
N LEU A 350 -2.94 -12.01 11.93
CA LEU A 350 -2.02 -11.29 12.82
C LEU A 350 -1.64 -9.94 12.20
N GLN A 351 -1.77 -8.86 12.96
CA GLN A 351 -1.55 -7.54 12.39
C GLN A 351 -0.94 -6.57 13.41
N ILE A 352 -0.19 -5.59 12.90
CA ILE A 352 0.32 -4.48 13.70
C ILE A 352 0.50 -3.27 12.78
N PHE A 353 0.46 -2.07 13.36
CA PHE A 353 0.49 -0.83 12.60
C PHE A 353 1.68 0.03 12.99
N THR A 354 2.36 0.59 12.00
CA THR A 354 3.42 1.56 12.26
C THR A 354 2.84 2.92 12.55
N LYS A 355 3.65 3.77 13.17
CA LYS A 355 3.40 5.20 13.21
C LYS A 355 3.52 5.79 11.80
N PRO A 356 3.02 7.02 11.59
CA PRO A 356 3.11 7.63 10.25
C PRO A 356 4.52 7.57 9.68
N LEU A 357 4.58 7.32 8.37
CA LEU A 357 5.89 7.15 7.73
C LEU A 357 6.65 8.47 7.60
N GLY A 358 5.97 9.61 7.70
CA GLY A 358 6.63 10.89 7.50
C GLY A 358 6.17 11.95 8.48
N ASP A 359 6.35 13.23 8.12
CA ASP A 359 6.04 14.33 9.03
C ASP A 359 4.57 14.36 9.41
N ARG A 360 3.66 14.01 8.46
CA ARG A 360 2.26 14.25 8.75
C ARG A 360 1.57 12.99 9.29
N PRO A 361 0.54 13.17 10.12
CA PRO A 361 -0.23 12.00 10.56
C PRO A 361 -1.15 11.47 9.46
N THR A 362 -0.57 10.93 8.38
CA THR A 362 -1.35 10.55 7.22
C THR A 362 -1.06 9.07 6.92
N ILE A 363 -0.16 8.78 5.97
CA ILE A 363 0.09 7.42 5.56
C ILE A 363 0.85 6.65 6.65
N PHE A 364 0.53 5.38 6.82
CA PHE A 364 1.30 4.50 7.70
C PHE A 364 1.30 3.10 7.10
N ILE A 365 2.03 2.18 7.73
CA ILE A 365 2.15 0.84 7.20
C ILE A 365 1.55 -0.15 8.19
N GLU A 366 0.97 -1.22 7.66
CA GLU A 366 0.49 -2.37 8.44
C GLU A 366 1.30 -3.60 8.03
N ILE A 367 1.74 -4.36 9.01
CA ILE A 367 2.36 -5.66 8.76
C ILE A 367 1.32 -6.73 9.10
N ILE A 368 1.15 -7.71 8.22
CA ILE A 368 0.20 -8.77 8.51
C ILE A 368 0.75 -10.12 8.08
N GLN A 369 0.19 -11.15 8.69
CA GLN A 369 0.35 -12.52 8.24
C GLN A 369 -0.99 -13.23 8.41
N ARG A 370 -1.34 -14.03 7.42
CA ARG A 370 -2.62 -14.72 7.39
C ARG A 370 -2.40 -16.21 7.56
N VAL A 371 -3.21 -16.84 8.40
CA VAL A 371 -3.15 -18.29 8.61
C VAL A 371 -4.53 -18.89 8.34
N GLY A 372 -4.59 -19.79 7.36
CA GLY A 372 -5.80 -20.53 7.01
C GLY A 372 -6.09 -20.46 5.52
N CYS A 373 -7.31 -20.82 5.16
CA CYS A 373 -7.85 -20.72 3.80
C CYS A 373 -6.85 -21.18 2.74
N MET A 374 -6.42 -22.43 2.88
CA MET A 374 -5.56 -23.07 1.88
C MET A 374 -6.42 -23.96 0.99
N MET A 375 -6.20 -23.87 -0.31
CA MET A 375 -6.80 -24.83 -1.24
C MET A 375 -5.65 -25.51 -1.95
N TYR A 383 -1.94 -22.71 -2.41
CA TYR A 383 -2.09 -21.27 -2.27
C TYR A 383 -3.04 -20.91 -1.14
N GLN A 384 -3.00 -19.64 -0.74
CA GLN A 384 -3.92 -19.09 0.25
C GLN A 384 -4.87 -18.12 -0.45
N SER A 385 -6.17 -18.23 -0.17
CA SER A 385 -7.13 -17.32 -0.78
C SER A 385 -7.01 -15.94 -0.14
N GLY A 386 -7.32 -14.91 -0.94
CA GLY A 386 -7.12 -13.54 -0.50
C GLY A 386 -8.06 -13.14 0.61
N GLY A 387 -7.56 -12.25 1.47
CA GLY A 387 -8.35 -11.77 2.58
C GLY A 387 -8.59 -12.77 3.68
N CYS A 388 -7.91 -13.91 3.67
CA CYS A 388 -8.13 -14.95 4.66
C CYS A 388 -8.00 -14.42 6.08
N GLY A 389 -9.14 -14.28 6.77
CA GLY A 389 -9.19 -13.75 8.12
C GLY A 389 -9.79 -12.37 8.18
N GLY A 390 -10.05 -11.75 7.03
CA GLY A 390 -10.59 -10.40 7.03
C GLY A 390 -9.48 -9.37 7.16
N PHE A 391 -9.81 -8.28 7.83
CA PHE A 391 -8.89 -7.14 7.92
C PHE A 391 -8.74 -6.64 9.35
N GLY A 392 -9.20 -7.41 10.33
CA GLY A 392 -9.07 -7.01 11.71
C GLY A 392 -10.28 -6.29 12.27
N LYS A 393 -11.45 -6.49 11.66
CA LYS A 393 -12.67 -5.83 12.14
C LYS A 393 -12.89 -6.06 13.63
N GLY A 394 -12.72 -7.29 14.11
CA GLY A 394 -13.01 -7.59 15.49
C GLY A 394 -12.12 -6.89 16.50
N ASN A 395 -10.99 -6.33 16.05
CA ASN A 395 -10.03 -5.74 16.96
C ASN A 395 -10.45 -4.36 17.47
N PHE A 396 -11.48 -3.74 16.88
CA PHE A 396 -11.97 -2.47 17.40
C PHE A 396 -12.69 -2.68 18.73
N SER A 397 -13.70 -3.55 18.75
CA SER A 397 -14.43 -3.82 19.98
C SER A 397 -13.55 -4.52 21.01
N GLU A 398 -12.63 -5.37 20.55
CA GLU A 398 -11.76 -6.07 21.48
C GLU A 398 -10.79 -5.10 22.17
N LEU A 399 -10.33 -4.08 21.44
CA LEU A 399 -9.43 -3.10 22.05
C LEU A 399 -10.19 -2.18 23.00
N PHE A 400 -11.40 -1.78 22.64
CA PHE A 400 -12.22 -1.01 23.57
C PHE A 400 -12.46 -1.79 24.85
N LYS A 401 -12.90 -3.05 24.73
CA LYS A 401 -13.16 -3.89 25.90
C LYS A 401 -11.90 -4.13 26.72
N SER A 402 -10.73 -4.15 26.07
CA SER A 402 -9.47 -4.37 26.76
C SER A 402 -9.04 -3.15 27.57
N ILE A 403 -9.04 -1.97 26.94
CA ILE A 403 -8.75 -0.75 27.68
C ILE A 403 -9.72 -0.60 28.85
N GLU A 404 -10.99 -0.98 28.65
CA GLU A 404 -11.96 -0.88 29.72
C GLU A 404 -11.65 -1.88 30.83
N GLU A 405 -11.34 -3.13 30.45
CA GLU A 405 -11.01 -4.15 31.45
C GLU A 405 -9.72 -3.80 32.20
N TYR A 406 -8.66 -3.45 31.46
CA TYR A 406 -7.36 -3.18 32.08
C TYR A 406 -7.43 -2.00 33.04
N GLU A 407 -8.18 -0.95 32.68
CA GLU A 407 -8.23 0.26 33.50
C GLU A 407 -8.50 -0.08 34.96
N LYS A 408 -9.50 -0.91 35.21
CA LYS A 408 -9.80 -1.37 36.55
C LYS A 408 -8.76 -2.40 37.00
CO CO B . -5.69 -2.98 6.92
N12 9V4 C . -7.69 -2.72 6.29
C17 9V4 C . -7.66 2.13 11.63
C20 9V4 C . -7.86 -1.84 15.33
C1 9V4 C . -7.64 -2.13 10.81
C2 9V4 C . -7.91 -3.39 11.63
C3 9V4 C . -7.98 -3.32 13.15
C4 9V4 C . -7.80 -1.97 13.83
C5 9V4 C . -7.55 -0.70 13.02
C6 9V4 C . -7.46 -0.79 11.51
C8 9V4 C . -7.55 -2.27 9.28
C11 9V4 C . -8.75 -2.51 7.08
C16 9V4 C . -11.18 -2.37 6.84
F21 9V4 C . -9.07 -2.31 15.77
F22 9V4 C . -6.83 -2.58 15.83
F23 9V4 C . -7.70 -0.52 15.65
N10 9V4 C . -8.78 -2.33 8.53
N13 9V4 C . -8.14 -2.86 5.03
N14 9V4 C . -9.48 -2.76 5.06
N15 9V4 C . -9.85 -2.54 6.33
O9 9V4 C . -6.50 -2.33 8.74
O18 9V4 C . -5.74 0.81 10.23
O19 9V4 C . -7.84 0.70 9.31
S7 9V4 C . -7.15 0.72 10.59
#